data_5DLO
#
_entry.id   5DLO
#
_cell.length_a   63.600
_cell.length_b   63.600
_cell.length_c   69.760
_cell.angle_alpha   90.00
_cell.angle_beta   90.00
_cell.angle_gamma   120.00
#
_symmetry.space_group_name_H-M   'P 64'
#
loop_
_entity.id
_entity.type
_entity.pdbx_description
1 polymer 'Endoribonuclease MazF'
2 polymer 'DNA substrate analogue AUACAUA'
3 non-polymer 'CHLORIDE ION'
4 water water
#
loop_
_entity_poly.entity_id
_entity_poly.type
_entity_poly.pdbx_seq_one_letter_code
_entity_poly.pdbx_strand_id
1 'polypeptide(L)'
;MGSSHHHHHHSQDPIRRGDVYLADLSPVQGSEQGGVRPVVIIQNDTGNKYSPTVIVAAITGRINKAKIPTHVEIEKKKYK
LDKDSVILLEQIRTLDKKRLKEKLTYLSDDKMKEVDNALMISLGLNAVAHQKN
;
A
2 'polydeoxyribonucleotide' (DA)(DU)(DA)(DC)(DA)(DU)(DA) B
#
loop_
_chem_comp.id
_chem_comp.type
_chem_comp.name
_chem_comp.formula
CL non-polymer 'CHLORIDE ION' 'Cl -1'
DA DNA linking 2'-DEOXYADENOSINE-5'-MONOPHOSPHATE 'C10 H14 N5 O6 P'
DC DNA linking 2'-DEOXYCYTIDINE-5'-MONOPHOSPHATE 'C9 H14 N3 O7 P'
DU DNA linking 2'-DEOXYURIDINE-5'-MONOPHOSPHATE 'C9 H13 N2 O8 P'
#
# COMPACT_ATOMS: atom_id res chain seq x y z
C ASP A 13 -14.59 -4.08 9.51
N PRO A 14 -15.01 -2.86 9.20
CA PRO A 14 -15.00 -2.37 7.82
C PRO A 14 -13.58 -2.11 7.32
N ILE A 15 -13.34 -2.44 6.05
CA ILE A 15 -12.04 -2.19 5.44
C ILE A 15 -12.14 -0.85 4.74
N ARG A 16 -11.21 0.04 5.06
CA ARG A 16 -11.25 1.39 4.52
C ARG A 16 -9.97 1.75 3.78
N ARG A 17 -10.13 2.57 2.75
CA ARG A 17 -8.99 3.09 2.03
C ARG A 17 -8.07 3.81 3.01
N GLY A 18 -6.77 3.54 2.92
CA GLY A 18 -5.80 4.10 3.84
C GLY A 18 -5.47 3.19 5.01
N ASP A 19 -6.26 2.14 5.22
CA ASP A 19 -5.92 1.13 6.23
C ASP A 19 -4.64 0.40 5.82
N VAL A 20 -3.86 -0.01 6.82
CA VAL A 20 -2.67 -0.83 6.58
C VAL A 20 -2.86 -2.18 7.27
N TYR A 21 -2.78 -3.25 6.49
CA TYR A 21 -2.95 -4.62 6.97
C TYR A 21 -1.70 -5.43 6.73
N LEU A 22 -1.46 -6.42 7.59
CA LEU A 22 -0.47 -7.43 7.28
C LEU A 22 -1.06 -8.38 6.25
N ALA A 23 -0.28 -8.72 5.22
CA ALA A 23 -0.74 -9.66 4.21
C ALA A 23 0.42 -10.44 3.63
N ASP A 24 0.14 -11.65 3.16
CA ASP A 24 1.15 -12.49 2.52
C ASP A 24 0.98 -12.40 1.00
N LEU A 25 1.96 -11.81 0.34
CA LEU A 25 1.94 -11.63 -1.11
C LEU A 25 2.47 -12.84 -1.88
N SER A 26 3.10 -13.78 -1.18
CA SER A 26 3.65 -14.96 -1.83
C SER A 26 2.55 -15.92 -2.26
N PRO A 27 2.79 -16.71 -3.33
CA PRO A 27 4.00 -16.75 -4.16
C PRO A 27 3.99 -15.67 -5.24
N VAL A 28 5.18 -15.31 -5.69
CA VAL A 28 5.34 -14.30 -6.74
C VAL A 28 6.37 -14.76 -7.77
N GLN A 29 6.43 -14.05 -8.89
CA GLN A 29 7.45 -14.31 -9.91
C GLN A 29 8.33 -13.09 -10.12
N GLY A 30 9.60 -13.32 -10.45
CA GLY A 30 10.51 -12.25 -10.80
C GLY A 30 10.59 -11.16 -9.75
N SER A 31 10.48 -9.91 -10.19
CA SER A 31 10.58 -8.76 -9.28
C SER A 31 9.22 -8.22 -8.81
N GLU A 32 8.18 -9.05 -8.88
CA GLU A 32 6.94 -8.77 -8.16
C GLU A 32 7.24 -8.82 -6.67
N GLN A 33 6.80 -7.82 -5.90
CA GLN A 33 7.12 -7.79 -4.47
C GLN A 33 6.52 -9.00 -3.77
N GLY A 34 7.36 -9.76 -3.06
CA GLY A 34 6.89 -10.96 -2.39
C GLY A 34 6.89 -10.86 -0.88
N GLY A 35 6.50 -11.96 -0.24
CA GLY A 35 6.61 -12.09 1.20
C GLY A 35 5.46 -11.52 2.02
N VAL A 36 5.51 -11.79 3.32
CA VAL A 36 4.60 -11.22 4.28
C VAL A 36 5.04 -9.80 4.60
N ARG A 37 4.12 -8.84 4.54
CA ARG A 37 4.46 -7.44 4.78
C ARG A 37 3.21 -6.63 4.97
N PRO A 38 3.36 -5.40 5.48
CA PRO A 38 2.21 -4.48 5.50
C PRO A 38 1.84 -4.09 4.06
N VAL A 39 0.55 -3.87 3.84
CA VAL A 39 0.05 -3.35 2.58
C VAL A 39 -0.99 -2.28 2.91
N VAL A 40 -1.11 -1.26 2.05
CA VAL A 40 -2.11 -0.21 2.27
C VAL A 40 -3.27 -0.37 1.26
N ILE A 41 -4.49 -0.25 1.77
CA ILE A 41 -5.68 -0.34 0.91
C ILE A 41 -5.78 0.92 0.05
N ILE A 42 -5.87 0.75 -1.26
CA ILE A 42 -5.97 1.88 -2.19
C ILE A 42 -7.24 1.84 -3.04
N GLN A 43 -8.01 0.75 -2.96
CA GLN A 43 -9.32 0.71 -3.60
C GLN A 43 -10.31 1.67 -2.94
N ASN A 44 -11.24 2.21 -3.73
CA ASN A 44 -12.31 3.05 -3.21
C ASN A 44 -13.17 2.31 -2.17
N ASP A 45 -13.80 3.08 -1.28
CA ASP A 45 -14.55 2.49 -0.17
C ASP A 45 -15.86 1.82 -0.53
N THR A 46 -16.39 2.12 -1.71
CA THR A 46 -17.60 1.42 -2.17
C THR A 46 -17.24 -0.02 -2.52
N GLY A 47 -16.19 -0.20 -3.32
CA GLY A 47 -15.66 -1.53 -3.56
C GLY A 47 -15.25 -2.23 -2.26
N ASN A 48 -14.63 -1.48 -1.35
CA ASN A 48 -14.22 -2.09 -0.08
C ASN A 48 -15.40 -2.62 0.73
N LYS A 49 -16.57 -2.01 0.55
CA LYS A 49 -17.77 -2.48 1.25
C LYS A 49 -18.35 -3.72 0.59
N TYR A 50 -18.47 -3.71 -0.73
CA TYR A 50 -19.27 -4.71 -1.44
C TYR A 50 -18.49 -5.89 -2.04
N SER A 51 -17.22 -5.69 -2.35
CA SER A 51 -16.48 -6.70 -3.10
C SER A 51 -15.75 -7.67 -2.18
N PRO A 52 -15.58 -8.92 -2.64
CA PRO A 52 -14.72 -9.85 -1.88
C PRO A 52 -13.24 -9.50 -2.02
N THR A 53 -12.89 -8.60 -2.93
CA THR A 53 -11.49 -8.24 -3.16
C THR A 53 -11.20 -6.77 -2.87
N VAL A 54 -9.96 -6.49 -2.53
CA VAL A 54 -9.47 -5.12 -2.36
C VAL A 54 -8.27 -4.92 -3.29
N ILE A 55 -7.84 -3.67 -3.43
CA ILE A 55 -6.60 -3.37 -4.15
C ILE A 55 -5.66 -2.73 -3.15
N VAL A 56 -4.39 -3.15 -3.17
CA VAL A 56 -3.42 -2.70 -2.19
C VAL A 56 -2.10 -2.30 -2.83
N ALA A 57 -1.28 -1.55 -2.10
CA ALA A 57 0.12 -1.31 -2.48
C ALA A 57 1.02 -1.89 -1.40
N ALA A 58 2.14 -2.49 -1.83
CA ALA A 58 3.10 -3.11 -0.92
C ALA A 58 3.89 -2.06 -0.14
N ILE A 59 4.23 -2.40 1.11
CA ILE A 59 5.10 -1.56 1.93
C ILE A 59 6.38 -2.32 2.25
N THR A 60 7.50 -1.61 2.27
CA THR A 60 8.81 -2.22 2.52
C THR A 60 9.61 -1.39 3.52
N GLY A 61 10.59 -2.03 4.17
CA GLY A 61 11.39 -1.35 5.17
C GLY A 61 12.75 -0.96 4.64
N ARG A 62 12.95 -1.17 3.34
CA ARG A 62 14.23 -0.85 2.71
C ARG A 62 14.24 0.61 2.26
N ILE A 63 14.91 1.47 3.02
CA ILE A 63 14.94 2.89 2.73
C ILE A 63 16.05 3.24 1.74
N ASN A 64 16.73 2.22 1.21
CA ASN A 64 17.81 2.43 0.27
C ASN A 64 17.49 1.98 -1.15
N LYS A 65 16.20 1.82 -1.44
CA LYS A 65 15.77 1.43 -2.77
C LYS A 65 16.09 2.53 -3.78
N ALA A 66 16.00 2.21 -5.07
CA ALA A 66 16.15 3.22 -6.10
C ALA A 66 15.17 4.35 -5.82
N LYS A 67 15.56 5.58 -6.11
CA LYS A 67 14.70 6.73 -5.85
C LYS A 67 13.68 6.88 -6.96
N ILE A 68 12.52 6.26 -6.78
CA ILE A 68 11.48 6.21 -7.80
C ILE A 68 10.34 7.12 -7.39
N PRO A 69 9.74 7.84 -8.36
CA PRO A 69 8.68 8.79 -8.00
C PRO A 69 7.39 8.15 -7.50
N THR A 70 7.31 6.81 -7.55
CA THR A 70 6.16 6.09 -7.03
C THR A 70 6.32 5.69 -5.56
N HIS A 71 7.39 6.16 -4.92
CA HIS A 71 7.65 5.83 -3.52
C HIS A 71 7.17 6.91 -2.58
N VAL A 72 6.48 6.50 -1.51
CA VAL A 72 6.02 7.43 -0.47
C VAL A 72 6.47 6.93 0.90
N GLU A 73 7.20 7.77 1.62
CA GLU A 73 7.72 7.38 2.93
C GLU A 73 6.65 7.49 4.03
N ILE A 74 6.71 6.58 4.99
CA ILE A 74 5.91 6.70 6.20
C ILE A 74 6.78 6.48 7.43
N GLU A 75 6.59 7.34 8.42
CA GLU A 75 7.48 7.39 9.59
C GLU A 75 7.05 6.46 10.72
N LYS A 76 8.04 5.81 11.31
CA LYS A 76 7.82 4.86 12.39
C LYS A 76 7.07 5.49 13.55
N LYS A 77 7.47 6.70 13.92
CA LYS A 77 6.89 7.37 15.08
C LYS A 77 5.39 7.61 14.91
N LYS A 78 5.01 8.28 13.83
CA LYS A 78 3.62 8.67 13.63
C LYS A 78 2.68 7.47 13.57
N TYR A 79 3.15 6.40 12.94
CA TYR A 79 2.33 5.21 12.79
C TYR A 79 2.89 4.09 13.66
N LYS A 80 2.08 3.11 13.99
CA LYS A 80 2.57 2.05 14.85
C LYS A 80 3.42 1.07 14.05
N LEU A 81 4.56 1.55 13.53
CA LEU A 81 5.39 0.71 12.65
C LEU A 81 6.63 0.14 13.35
N ASP A 82 7.18 -0.93 12.76
CA ASP A 82 8.42 -1.51 13.27
C ASP A 82 9.61 -0.62 12.90
N LYS A 83 9.49 0.12 11.80
CA LYS A 83 10.58 0.94 11.30
C LYS A 83 10.06 1.91 10.26
N ASP A 84 10.85 2.94 9.96
CA ASP A 84 10.52 3.83 8.85
C ASP A 84 10.34 2.97 7.61
N SER A 85 9.27 3.21 6.86
CA SER A 85 8.93 2.34 5.75
C SER A 85 8.64 3.13 4.48
N VAL A 86 8.49 2.41 3.37
CA VAL A 86 8.19 3.04 2.10
C VAL A 86 7.03 2.32 1.43
N ILE A 87 6.04 3.08 0.98
CA ILE A 87 4.94 2.54 0.19
C ILE A 87 5.36 2.51 -1.27
N LEU A 88 5.22 1.36 -1.91
CA LEU A 88 5.64 1.14 -3.29
C LEU A 88 4.44 1.21 -4.21
N LEU A 89 4.13 2.38 -4.75
CA LEU A 89 2.95 2.51 -5.60
C LEU A 89 3.17 1.90 -7.00
N GLU A 90 4.38 1.40 -7.25
CA GLU A 90 4.67 0.60 -8.45
C GLU A 90 4.44 -0.89 -8.20
N GLN A 91 4.09 -1.25 -6.96
CA GLN A 91 3.82 -2.65 -6.58
C GLN A 91 2.40 -2.76 -6.03
N ILE A 92 1.44 -2.91 -6.94
CA ILE A 92 0.04 -2.91 -6.55
C ILE A 92 -0.63 -4.22 -6.96
N ARG A 93 -1.49 -4.76 -6.09
CA ARG A 93 -2.12 -6.07 -6.26
C ARG A 93 -3.59 -5.98 -5.91
N THR A 94 -4.46 -6.64 -6.65
CA THR A 94 -5.80 -6.98 -6.15
C THR A 94 -5.70 -8.25 -5.31
N LEU A 95 -6.12 -8.16 -4.05
CA LEU A 95 -6.10 -9.31 -3.14
C LEU A 95 -7.48 -9.68 -2.66
N ASP A 96 -7.76 -10.97 -2.56
CA ASP A 96 -8.96 -11.38 -1.87
C ASP A 96 -8.84 -10.93 -0.40
N LYS A 97 -9.94 -10.47 0.18
CA LYS A 97 -9.91 -10.03 1.57
C LYS A 97 -9.40 -11.09 2.53
N LYS A 98 -9.51 -12.37 2.17
CA LYS A 98 -9.01 -13.43 3.03
C LYS A 98 -7.50 -13.32 3.30
N ARG A 99 -6.78 -12.62 2.42
CA ARG A 99 -5.34 -12.43 2.62
C ARG A 99 -5.02 -11.45 3.73
N LEU A 100 -5.98 -10.59 4.05
CA LEU A 100 -5.75 -9.53 5.04
C LEU A 100 -5.80 -10.12 6.44
N LYS A 101 -4.72 -9.95 7.19
CA LYS A 101 -4.68 -10.41 8.56
C LYS A 101 -4.85 -9.20 9.48
N GLU A 102 -3.97 -9.01 10.46
CA GLU A 102 -4.15 -7.93 11.42
C GLU A 102 -4.09 -6.53 10.78
N LYS A 103 -4.98 -5.65 11.22
CA LYS A 103 -4.89 -4.25 10.86
C LYS A 103 -3.79 -3.62 11.73
N LEU A 104 -2.78 -3.05 11.08
CA LEU A 104 -1.62 -2.55 11.80
C LEU A 104 -1.73 -1.07 12.14
N THR A 105 -2.29 -0.29 11.21
CA THR A 105 -2.44 1.15 11.40
C THR A 105 -3.33 1.70 10.28
N TYR A 106 -3.44 3.02 10.19
CA TYR A 106 -4.08 3.64 9.05
C TYR A 106 -3.43 4.99 8.81
N LEU A 107 -3.36 5.38 7.54
CA LEU A 107 -2.61 6.58 7.19
C LEU A 107 -3.44 7.85 7.30
N SER A 108 -2.76 8.97 7.56
CA SER A 108 -3.42 10.26 7.69
C SER A 108 -3.93 10.75 6.34
N ASP A 109 -4.84 11.72 6.37
CA ASP A 109 -5.37 12.30 5.15
C ASP A 109 -4.25 12.93 4.31
N ASP A 110 -3.35 13.66 4.96
CA ASP A 110 -2.23 14.28 4.25
C ASP A 110 -1.35 13.24 3.58
N LYS A 111 -1.07 12.14 4.30
CA LYS A 111 -0.25 11.08 3.73
C LYS A 111 -0.95 10.42 2.56
N MET A 112 -2.27 10.24 2.67
CA MET A 112 -3.01 9.64 1.57
C MET A 112 -3.05 10.52 0.32
N LYS A 113 -2.97 11.84 0.50
CA LYS A 113 -2.81 12.73 -0.65
C LYS A 113 -1.51 12.44 -1.39
N GLU A 114 -0.44 12.15 -0.64
CA GLU A 114 0.83 11.80 -1.28
C GLU A 114 0.70 10.47 -2.00
N VAL A 115 0.00 9.52 -1.38
CA VAL A 115 -0.25 8.25 -2.04
C VAL A 115 -1.05 8.43 -3.34
N ASP A 116 -2.08 9.27 -3.29
CA ASP A 116 -2.90 9.54 -4.47
C ASP A 116 -2.04 10.08 -5.61
N ASN A 117 -1.18 11.05 -5.30
CA ASN A 117 -0.28 11.62 -6.30
CA ASN A 117 -0.29 11.60 -6.31
C ASN A 117 0.66 10.56 -6.89
N ALA A 118 1.22 9.71 -6.04
CA ALA A 118 2.13 8.68 -6.48
C ALA A 118 1.41 7.64 -7.36
N LEU A 119 0.15 7.36 -7.06
CA LEU A 119 -0.65 6.46 -7.90
C LEU A 119 -0.93 7.07 -9.27
N MET A 120 -1.24 8.36 -9.29
CA MET A 120 -1.45 9.07 -10.56
CA MET A 120 -1.48 9.00 -10.57
C MET A 120 -0.21 8.95 -11.45
N ILE A 121 0.95 9.08 -10.83
CA ILE A 121 2.22 8.91 -11.55
C ILE A 121 2.40 7.47 -12.01
N SER A 122 2.25 6.53 -11.07
CA SER A 122 2.46 5.11 -11.36
C SER A 122 1.65 4.66 -12.57
N LEU A 123 0.40 5.10 -12.62
CA LEU A 123 -0.54 4.65 -13.65
C LEU A 123 -0.73 5.64 -14.80
N GLY A 124 0.13 6.66 -14.87
CA GLY A 124 0.10 7.60 -15.98
C GLY A 124 -1.25 8.29 -16.15
N LEU A 125 -1.85 8.70 -15.04
CA LEU A 125 -3.18 9.29 -15.04
C LEU A 125 -3.17 10.80 -14.97
N ASN A 126 -1.98 11.40 -15.04
CA ASN A 126 -1.84 12.81 -14.71
C ASN A 126 -1.66 13.74 -15.90
N ALA A 127 -1.97 13.25 -17.10
CA ALA A 127 -1.89 14.10 -18.29
C ALA A 127 -3.08 15.05 -18.38
CL CL C . 10.86 -16.15 -10.42
#